data_7RYA
#
_entry.id   7RYA
#
_cell.length_a   77.530
_cell.length_b   66.700
_cell.length_c   80.580
_cell.angle_alpha   90.000
_cell.angle_beta   98.420
_cell.angle_gamma   90.000
#
_symmetry.space_group_name_H-M   'P 1 21 1'
#
loop_
_entity.id
_entity.type
_entity.pdbx_description
1 polymer 'Lanosterol 14-alpha demethylase'
2 non-polymer 'PROTOPORPHYRIN IX CONTAINING FE'
3 non-polymer 2-[(2R)-butan-2-yl]-4-{4-[4-(4-{[(2R,4S)-2-(2,4-dichlorophenyl)-2-(1H-1,2,4-triazol-1-ylmethyl)-1,3-dioxolan-4-yl]methoxy}phenyl)piperazin-1-yl]phenyl}-2,4-dihydro-3H-1,2,4-triazol-3-one
4 water water
#
_entity_poly.entity_id   1
_entity_poly.type   'polypeptide(L)'
_entity_poly.pdbx_seq_one_letter_code
;MSATKSIVGEALEYVNIGLSHFLALPLAQRISLIIIIPFIYNIVWQLLYSLRKDRPPLVFYWIPWVGSAVVYGMKPYEFF
EECQKKYGDIFSFVLLGRVMTVYLGPKGHEFVFNAKLADVSAEAAYAHLTTPVFGKGVIYDCPNSRLMEQKKFVKGALTK
EAFKSYVPLIAEEVYKYFRDSKNFRLNERTTGTIDVMVTQPEMTIFTASRSLLGKEMRAKLDTDFAYLYSDLDKGFTPIN
FVFPNLPLEHYRKRDHAQKAISGTYMSLIKERRKNNDIQDRDLIDSLMKNSTYKDGVKMTDQEIANLLIGVLMGGQHTSA
ATSAWILLHLAERPDVQQELYEEQMRVLDGGKKELTYDLLQEMPLLNQTIKETLRMHHPLHSLFRKVMKDMHVPNTSYVI
PAGYHVLVSPGYTHLRDEYFPNAHQFNIHRWNNDSASSYSVGEEVDYGFGAISKGVSSPYLPFGGGRHRCTGEHFAYCQL
GVLMSIFIRTLKWHYPEGKTVPPPDFTSMVTLPTGPAKIIWEKRNPEQKIGGRHHHHHH
;
_entity_poly.pdbx_strand_id   A
#
loop_
_chem_comp.id
_chem_comp.type
_chem_comp.name
_chem_comp.formula
1YN non-polymer 2-[(2R)-butan-2-yl]-4-{4-[4-(4-{[(2R,4S)-2-(2,4-dichlorophenyl)-2-(1H-1,2,4-triazol-1-ylmethyl)-1,3-dioxolan-4-yl]methoxy}phenyl)piperazin-1-yl]phenyl}-2,4-dihydro-3H-1,2,4-triazol-3-one 'C35 H38 Cl2 N8 O4'
HEM non-polymer 'PROTOPORPHYRIN IX CONTAINING FE' 'C34 H32 Fe N4 O4'
#
# COMPACT_ATOMS: atom_id res chain seq x y z
N ILE A 7 43.41 -39.44 -31.52
CA ILE A 7 42.15 -39.20 -32.21
C ILE A 7 41.06 -38.73 -31.24
N VAL A 8 40.71 -37.45 -31.36
CA VAL A 8 39.50 -36.91 -30.73
C VAL A 8 38.28 -37.03 -31.64
N GLY A 9 38.48 -37.45 -32.89
CA GLY A 9 37.34 -37.72 -33.76
C GLY A 9 36.45 -38.82 -33.20
N GLU A 10 37.06 -39.86 -32.62
CA GLU A 10 36.29 -40.93 -31.99
C GLU A 10 35.38 -40.37 -30.91
N ALA A 11 35.90 -39.46 -30.09
CA ALA A 11 35.09 -38.87 -29.03
C ALA A 11 33.94 -38.06 -29.62
N LEU A 12 34.22 -37.27 -30.66
CA LEU A 12 33.18 -36.44 -31.25
C LEU A 12 32.06 -37.28 -31.85
N GLU A 13 32.39 -38.45 -32.40
CA GLU A 13 31.36 -39.36 -32.85
C GLU A 13 30.49 -39.80 -31.68
N TYR A 14 31.12 -40.17 -30.55
CA TYR A 14 30.34 -40.68 -29.44
C TYR A 14 29.53 -39.57 -28.76
N VAL A 15 29.91 -38.31 -28.97
CA VAL A 15 29.02 -37.21 -28.57
C VAL A 15 27.71 -37.30 -29.33
N ASN A 16 27.79 -37.38 -30.67
CA ASN A 16 26.60 -37.57 -31.50
C ASN A 16 25.88 -38.85 -31.14
N ILE A 17 26.62 -39.92 -30.84
CA ILE A 17 25.98 -41.17 -30.43
C ILE A 17 25.18 -40.96 -29.15
N GLY A 18 25.79 -40.28 -28.16
CA GLY A 18 25.12 -40.09 -26.89
C GLY A 18 23.89 -39.21 -27.01
N LEU A 19 23.98 -38.15 -27.83
CA LEU A 19 22.81 -37.35 -28.11
C LEU A 19 21.67 -38.19 -28.68
N SER A 20 21.98 -39.11 -29.59
CA SER A 20 20.94 -39.96 -30.14
C SER A 20 20.39 -40.92 -29.10
N HIS A 21 21.26 -41.53 -28.28
CA HIS A 21 20.78 -42.40 -27.21
C HIS A 21 20.02 -41.61 -26.15
N PHE A 22 20.40 -40.35 -25.95
CA PHE A 22 19.66 -39.49 -25.04
C PHE A 22 18.23 -39.29 -25.52
N LEU A 23 18.08 -38.91 -26.80
CA LEU A 23 16.76 -38.62 -27.34
C LEU A 23 15.87 -39.87 -27.41
N ALA A 24 16.46 -41.06 -27.31
CA ALA A 24 15.74 -42.32 -27.35
C ALA A 24 15.47 -42.91 -25.96
N LEU A 25 15.64 -42.12 -24.90
CA LEU A 25 15.37 -42.65 -23.57
C LEU A 25 13.87 -42.90 -23.41
N PRO A 26 13.48 -43.86 -22.57
CA PRO A 26 12.05 -44.04 -22.28
C PRO A 26 11.48 -42.87 -21.51
N LEU A 27 10.16 -42.66 -21.68
CA LEU A 27 9.45 -41.53 -21.10
C LEU A 27 9.74 -41.34 -19.61
N ALA A 28 10.06 -42.43 -18.91
CA ALA A 28 10.35 -42.32 -17.48
C ALA A 28 11.62 -41.52 -17.23
N GLN A 29 12.71 -41.89 -17.89
CA GLN A 29 13.96 -41.14 -17.68
C GLN A 29 13.87 -39.74 -18.29
N ARG A 30 13.12 -39.57 -19.38
CA ARG A 30 13.00 -38.25 -19.98
C ARG A 30 12.38 -37.27 -19.00
N ILE A 31 11.24 -37.64 -18.40
CA ILE A 31 10.63 -36.81 -17.37
C ILE A 31 11.61 -36.63 -16.20
N SER A 32 12.24 -37.72 -15.77
CA SER A 32 13.20 -37.63 -14.68
C SER A 32 14.32 -36.64 -15.03
N LEU A 33 14.87 -36.74 -16.24
CA LEU A 33 15.90 -35.81 -16.64
C LEU A 33 15.33 -34.41 -16.86
N ILE A 34 14.08 -34.33 -17.30
CA ILE A 34 13.42 -33.03 -17.47
C ILE A 34 13.38 -32.28 -16.14
N ILE A 35 13.34 -33.01 -15.03
CA ILE A 35 13.36 -32.41 -13.71
C ILE A 35 14.78 -32.39 -13.12
N ILE A 36 15.54 -33.47 -13.30
CA ILE A 36 16.86 -33.55 -12.67
C ILE A 36 17.82 -32.55 -13.29
N ILE A 37 17.79 -32.40 -14.62
CA ILE A 37 18.77 -31.53 -15.30
C ILE A 37 18.66 -30.08 -14.83
N PRO A 38 17.49 -29.42 -14.86
CA PRO A 38 17.45 -28.03 -14.39
C PRO A 38 17.69 -27.91 -12.89
N PHE A 39 17.28 -28.92 -12.11
CA PHE A 39 17.59 -28.92 -10.68
C PHE A 39 19.10 -28.85 -10.45
N ILE A 40 19.87 -29.72 -11.12
CA ILE A 40 21.30 -29.78 -10.90
C ILE A 40 21.97 -28.52 -11.43
N TYR A 41 21.56 -28.04 -12.60
CA TYR A 41 22.17 -26.84 -13.14
C TYR A 41 21.96 -25.65 -12.22
N ASN A 42 20.76 -25.53 -11.65
CA ASN A 42 20.45 -24.45 -10.72
C ASN A 42 21.43 -24.44 -9.55
N ILE A 43 21.65 -25.61 -8.94
CA ILE A 43 22.57 -25.70 -7.80
C ILE A 43 24.00 -25.41 -8.22
N VAL A 44 24.41 -25.89 -9.40
CA VAL A 44 25.77 -25.62 -9.86
C VAL A 44 25.93 -24.14 -10.21
N TRP A 45 24.89 -23.54 -10.79
CA TRP A 45 24.95 -22.12 -11.13
C TRP A 45 25.07 -21.26 -9.87
N GLN A 46 24.36 -21.64 -8.79
CA GLN A 46 24.47 -20.86 -7.55
C GLN A 46 25.86 -20.95 -6.96
N LEU A 47 26.39 -22.18 -6.85
CA LEU A 47 27.76 -22.36 -6.34
C LEU A 47 28.74 -21.51 -7.11
N LEU A 48 28.63 -21.52 -8.45
CA LEU A 48 29.50 -20.68 -9.26
C LEU A 48 29.23 -19.20 -9.01
N TYR A 49 27.94 -18.82 -8.97
CA TYR A 49 27.57 -17.44 -8.71
C TYR A 49 28.22 -16.91 -7.43
N SER A 50 28.25 -17.75 -6.38
CA SER A 50 28.84 -17.34 -5.10
C SER A 50 30.32 -17.00 -5.20
N LEU A 51 30.98 -17.35 -6.31
CA LEU A 51 32.39 -16.98 -6.48
C LEU A 51 32.57 -15.53 -6.90
N ARG A 52 31.58 -14.98 -7.59
CA ARG A 52 31.68 -13.60 -8.06
C ARG A 52 31.77 -12.65 -6.88
N LYS A 53 32.71 -11.72 -6.95
CA LYS A 53 32.83 -10.69 -5.92
C LYS A 53 32.18 -9.38 -6.34
N ASP A 54 31.68 -9.28 -7.57
CA ASP A 54 30.92 -8.13 -8.03
C ASP A 54 29.41 -8.37 -7.95
N ARG A 55 28.97 -9.33 -7.13
CA ARG A 55 27.56 -9.62 -6.90
C ARG A 55 27.30 -9.75 -5.42
N PRO A 56 26.20 -9.17 -4.92
CA PRO A 56 25.81 -9.42 -3.53
C PRO A 56 25.58 -10.89 -3.30
N PRO A 57 25.71 -11.36 -2.06
CA PRO A 57 25.37 -12.75 -1.75
C PRO A 57 23.95 -13.06 -2.20
N LEU A 58 23.76 -14.27 -2.73
CA LEU A 58 22.48 -14.75 -3.22
C LEU A 58 21.96 -15.84 -2.29
N VAL A 59 20.77 -15.64 -1.72
CA VAL A 59 20.22 -16.61 -0.80
C VAL A 59 20.02 -17.94 -1.52
N PHE A 60 20.47 -19.03 -0.89
CA PHE A 60 20.41 -20.33 -1.53
C PHE A 60 18.99 -20.88 -1.56
N TYR A 61 18.62 -21.53 -2.66
CA TYR A 61 17.30 -22.10 -2.81
C TYR A 61 17.39 -23.41 -3.57
N TRP A 62 16.43 -24.29 -3.33
CA TRP A 62 16.38 -25.63 -3.93
C TRP A 62 15.59 -25.69 -5.23
N ILE A 63 14.41 -25.08 -5.25
CA ILE A 63 13.48 -25.20 -6.37
C ILE A 63 13.80 -24.11 -7.39
N PRO A 64 14.16 -24.47 -8.62
CA PRO A 64 14.39 -23.43 -9.64
C PRO A 64 13.14 -22.63 -9.91
N TRP A 65 13.36 -21.38 -10.36
CA TRP A 65 12.32 -20.40 -10.62
C TRP A 65 11.58 -19.95 -9.37
N VAL A 66 11.07 -20.90 -8.58
CA VAL A 66 10.35 -20.56 -7.35
C VAL A 66 11.23 -19.73 -6.43
N GLY A 67 12.45 -20.18 -6.18
CA GLY A 67 13.36 -19.42 -5.34
C GLY A 67 12.92 -19.42 -3.89
N SER A 68 13.15 -18.29 -3.22
CA SER A 68 12.77 -18.12 -1.81
C SER A 68 11.34 -17.61 -1.63
N ALA A 69 10.47 -17.78 -2.64
CA ALA A 69 9.16 -17.14 -2.66
C ALA A 69 8.32 -17.50 -1.42
N VAL A 70 8.36 -18.76 -1.00
CA VAL A 70 7.51 -19.17 0.11
C VAL A 70 7.93 -18.49 1.42
N VAL A 71 9.21 -18.55 1.76
CA VAL A 71 9.64 -18.02 3.05
C VAL A 71 9.59 -16.49 3.05
N TYR A 72 9.92 -15.88 1.91
CA TYR A 72 9.81 -14.43 1.78
C TYR A 72 8.35 -13.99 1.88
N GLY A 73 7.46 -14.69 1.16
CA GLY A 73 6.07 -14.28 1.11
C GLY A 73 5.35 -14.37 2.45
N MET A 74 5.68 -15.38 3.25
CA MET A 74 4.96 -15.59 4.50
C MET A 74 5.46 -14.73 5.65
N LYS A 75 6.77 -14.54 5.76
CA LYS A 75 7.37 -13.73 6.83
C LYS A 75 8.57 -12.98 6.28
N PRO A 76 8.33 -11.94 5.47
CA PRO A 76 9.45 -11.22 4.83
C PRO A 76 10.40 -10.58 5.83
N TYR A 77 9.91 -10.10 6.99
CA TYR A 77 10.81 -9.46 7.93
C TYR A 77 11.68 -10.47 8.64
N GLU A 78 11.13 -11.67 8.94
CA GLU A 78 11.97 -12.72 9.52
C GLU A 78 12.98 -13.20 8.50
N PHE A 79 12.55 -13.32 7.24
CA PHE A 79 13.46 -13.65 6.16
C PHE A 79 14.57 -12.61 6.05
N PHE A 80 14.22 -11.32 6.11
CA PHE A 80 15.22 -10.26 6.01
C PHE A 80 16.16 -10.26 7.20
N GLU A 81 15.66 -10.59 8.39
CA GLU A 81 16.55 -10.60 9.56
C GLU A 81 17.56 -11.74 9.46
N GLU A 82 17.12 -12.93 9.05
CA GLU A 82 18.05 -14.04 8.93
C GLU A 82 19.10 -13.75 7.87
N CYS A 83 18.67 -13.29 6.68
CA CYS A 83 19.60 -12.91 5.64
C CYS A 83 20.56 -11.83 6.12
N GLN A 84 20.05 -10.85 6.88
CA GLN A 84 20.91 -9.77 7.35
C GLN A 84 21.99 -10.31 8.30
N LYS A 85 21.66 -11.33 9.09
CA LYS A 85 22.64 -11.91 10.00
C LYS A 85 23.75 -12.64 9.24
N LYS A 86 23.38 -13.37 8.18
CA LYS A 86 24.35 -14.13 7.42
C LYS A 86 25.18 -13.24 6.49
N TYR A 87 24.54 -12.26 5.86
CA TYR A 87 25.16 -11.55 4.75
C TYR A 87 25.35 -10.06 4.96
N GLY A 88 24.74 -9.47 5.97
CA GLY A 88 24.76 -8.02 6.08
C GLY A 88 23.59 -7.41 5.35
N ASP A 89 23.71 -6.12 5.03
CA ASP A 89 22.55 -5.34 4.60
C ASP A 89 22.19 -5.50 3.12
N ILE A 90 23.05 -6.09 2.30
CA ILE A 90 22.80 -6.22 0.85
C ILE A 90 22.85 -7.69 0.48
N PHE A 91 21.77 -8.19 -0.11
CA PHE A 91 21.73 -9.58 -0.54
C PHE A 91 20.63 -9.71 -1.59
N SER A 92 20.74 -10.76 -2.40
CA SER A 92 19.75 -11.05 -3.42
C SER A 92 19.03 -12.35 -3.09
N PHE A 93 17.85 -12.51 -3.69
CA PHE A 93 17.18 -13.80 -3.59
C PHE A 93 16.30 -13.95 -4.81
N VAL A 94 16.06 -15.19 -5.19
CA VAL A 94 15.25 -15.46 -6.37
C VAL A 94 13.79 -15.53 -5.95
N LEU A 95 12.91 -15.01 -6.80
CA LEU A 95 11.48 -14.89 -6.49
C LEU A 95 10.69 -15.07 -7.78
N LEU A 96 10.07 -16.23 -7.94
CA LEU A 96 9.18 -16.52 -9.08
C LEU A 96 9.76 -16.05 -10.41
N GLY A 97 11.02 -16.41 -10.64
CA GLY A 97 11.69 -16.12 -11.89
C GLY A 97 12.48 -14.83 -11.92
N ARG A 98 12.44 -14.03 -10.87
CA ARG A 98 13.11 -12.76 -10.84
C ARG A 98 14.17 -12.77 -9.74
N VAL A 99 15.22 -11.97 -9.93
CA VAL A 99 16.24 -11.81 -8.90
C VAL A 99 15.99 -10.48 -8.20
N MET A 100 15.69 -10.55 -6.90
CA MET A 100 15.46 -9.36 -6.09
C MET A 100 16.73 -9.07 -5.29
N THR A 101 17.25 -7.85 -5.41
CA THR A 101 18.38 -7.42 -4.59
C THR A 101 17.86 -6.49 -3.50
N VAL A 102 17.91 -6.96 -2.27
CA VAL A 102 17.46 -6.24 -1.09
C VAL A 102 18.60 -5.38 -0.56
N TYR A 103 18.29 -4.14 -0.19
CA TYR A 103 19.24 -3.26 0.51
C TYR A 103 18.53 -2.70 1.75
N LEU A 104 18.81 -3.29 2.91
CA LEU A 104 18.19 -2.93 4.17
C LEU A 104 18.78 -1.66 4.78
N GLY A 105 17.94 -0.98 5.58
CA GLY A 105 18.35 0.16 6.37
C GLY A 105 18.30 1.47 5.62
N PRO A 106 18.60 2.57 6.33
CA PRO A 106 18.60 3.89 5.67
C PRO A 106 19.42 3.98 4.38
N LYS A 107 20.57 3.29 4.29
CA LYS A 107 21.35 3.35 3.05
C LYS A 107 20.62 2.65 1.93
N GLY A 108 19.81 1.64 2.25
CA GLY A 108 18.98 1.04 1.22
C GLY A 108 17.89 1.96 0.75
N HIS A 109 17.24 2.68 1.69
CA HIS A 109 16.28 3.71 1.33
C HIS A 109 16.91 4.65 0.31
N GLU A 110 18.12 5.11 0.62
CA GLU A 110 18.82 6.04 -0.25
C GLU A 110 19.12 5.40 -1.61
N PHE A 111 19.64 4.17 -1.59
CA PHE A 111 20.00 3.48 -2.82
C PHE A 111 18.81 3.31 -3.76
N VAL A 112 17.63 3.01 -3.23
CA VAL A 112 16.49 2.68 -4.08
C VAL A 112 15.55 3.87 -4.28
N PHE A 113 15.17 4.57 -3.19
CA PHE A 113 14.21 5.67 -3.35
C PHE A 113 14.82 6.88 -4.06
N ASN A 114 16.13 7.10 -3.92
CA ASN A 114 16.80 8.22 -4.57
C ASN A 114 17.59 7.81 -5.80
N ALA A 115 17.46 6.56 -6.23
CA ALA A 115 18.10 6.07 -7.44
C ALA A 115 17.80 6.98 -8.63
N LYS A 116 18.79 7.11 -9.51
CA LYS A 116 18.62 7.89 -10.74
C LYS A 116 17.48 7.34 -11.59
N LEU A 117 16.76 8.26 -12.25
CA LEU A 117 15.63 7.85 -13.10
C LEU A 117 16.07 6.87 -14.18
N ALA A 118 17.27 7.05 -14.74
CA ALA A 118 17.81 6.13 -15.73
C ALA A 118 18.16 4.75 -15.16
N ASP A 119 18.41 4.65 -13.85
CA ASP A 119 18.93 3.41 -13.30
C ASP A 119 17.83 2.38 -13.05
N VAL A 120 16.64 2.82 -12.62
CA VAL A 120 15.58 1.91 -12.19
C VAL A 120 14.24 2.39 -12.73
N SER A 121 13.26 1.49 -12.70
CA SER A 121 11.93 1.79 -13.22
C SER A 121 10.88 1.23 -12.26
N ALA A 122 10.04 2.12 -11.71
CA ALA A 122 8.91 1.65 -10.92
C ALA A 122 7.84 1.05 -11.81
N GLU A 123 7.56 1.69 -12.96
CA GLU A 123 6.48 1.20 -13.79
C GLU A 123 6.79 -0.18 -14.34
N ALA A 124 8.06 -0.48 -14.60
CA ALA A 124 8.41 -1.81 -15.07
C ALA A 124 8.22 -2.86 -13.98
N ALA A 125 8.30 -2.47 -12.71
CA ALA A 125 8.04 -3.43 -11.63
C ALA A 125 6.55 -3.59 -11.36
N TYR A 126 5.76 -2.52 -11.53
CA TYR A 126 4.41 -2.44 -11.00
C TYR A 126 3.30 -2.50 -12.05
N ALA A 127 3.56 -2.10 -13.31
CA ALA A 127 2.46 -1.85 -14.24
C ALA A 127 1.61 -3.08 -14.50
N HIS A 128 2.23 -4.27 -14.55
CA HIS A 128 1.48 -5.46 -14.95
C HIS A 128 0.36 -5.76 -13.97
N LEU A 129 0.52 -5.35 -12.72
CA LEU A 129 -0.55 -5.46 -11.73
C LEU A 129 -1.55 -4.31 -11.83
N THR A 130 -1.06 -3.06 -11.80
CA THR A 130 -1.97 -1.92 -11.66
C THR A 130 -2.74 -1.63 -12.96
N THR A 131 -2.06 -1.71 -14.10
CA THR A 131 -2.72 -1.36 -15.35
C THR A 131 -4.02 -2.13 -15.60
N PRO A 132 -4.10 -3.45 -15.37
CA PRO A 132 -5.40 -4.14 -15.52
C PRO A 132 -6.48 -3.61 -14.59
N VAL A 133 -6.11 -3.14 -13.40
CA VAL A 133 -7.12 -2.75 -12.42
C VAL A 133 -7.60 -1.33 -12.67
N PHE A 134 -6.67 -0.39 -12.91
CA PHE A 134 -7.02 1.02 -13.03
C PHE A 134 -7.40 1.41 -14.46
N GLY A 135 -6.72 0.84 -15.45
CA GLY A 135 -6.95 1.18 -16.84
C GLY A 135 -5.72 1.78 -17.47
N LYS A 136 -5.87 2.14 -18.74
CA LYS A 136 -4.75 2.55 -19.56
C LYS A 136 -4.40 4.02 -19.37
N GLY A 137 -3.14 4.34 -19.64
CA GLY A 137 -2.72 5.71 -19.78
C GLY A 137 -2.31 6.42 -18.51
N VAL A 138 -2.45 5.79 -17.32
CA VAL A 138 -2.22 6.49 -16.06
C VAL A 138 -1.38 5.64 -15.12
N ILE A 139 -0.75 6.34 -14.15
CA ILE A 139 0.07 5.75 -13.09
C ILE A 139 1.28 5.07 -13.70
N TYR A 140 1.24 3.75 -13.87
CA TYR A 140 2.39 3.02 -14.40
C TYR A 140 2.23 2.66 -15.87
N ASP A 141 1.11 2.98 -16.49
CA ASP A 141 0.88 2.74 -17.92
C ASP A 141 1.15 4.01 -18.72
N CYS A 142 2.33 4.57 -18.50
CA CYS A 142 2.70 5.87 -19.02
C CYS A 142 4.12 6.17 -18.58
N PRO A 143 4.82 7.07 -19.27
CA PRO A 143 6.18 7.44 -18.83
C PRO A 143 6.16 8.10 -17.46
N ASN A 144 7.32 8.03 -16.80
CA ASN A 144 7.44 8.60 -15.45
C ASN A 144 7.08 10.07 -15.43
N SER A 145 7.38 10.81 -16.51
CA SER A 145 7.11 12.25 -16.48
C SER A 145 5.62 12.54 -16.51
N ARG A 146 4.82 11.62 -17.07
CA ARG A 146 3.37 11.73 -16.99
C ARG A 146 2.87 11.38 -15.58
N LEU A 147 3.41 10.32 -14.98
CA LEU A 147 3.12 10.05 -13.56
C LEU A 147 3.36 11.28 -12.70
N MET A 148 4.50 11.96 -12.91
CA MET A 148 4.86 13.11 -12.10
C MET A 148 3.78 14.17 -12.13
N GLU A 149 3.20 14.42 -13.31
CA GLU A 149 2.16 15.44 -13.42
C GLU A 149 0.79 14.96 -12.95
N GLN A 150 0.49 13.67 -13.13
CA GLN A 150 -0.74 13.14 -12.52
C GLN A 150 -0.71 13.34 -11.02
N LYS A 151 0.43 13.03 -10.38
CA LYS A 151 0.58 13.28 -8.95
C LYS A 151 0.39 14.76 -8.63
N LYS A 152 0.91 15.64 -9.49
CA LYS A 152 0.68 17.08 -9.32
C LYS A 152 -0.81 17.42 -9.40
N PHE A 153 -1.51 16.89 -10.40
CA PHE A 153 -2.96 17.11 -10.53
C PHE A 153 -3.71 16.68 -9.27
N VAL A 154 -3.47 15.45 -8.82
CA VAL A 154 -4.17 14.95 -7.64
C VAL A 154 -3.85 15.82 -6.43
N LYS A 155 -2.56 16.13 -6.23
CA LYS A 155 -2.10 16.97 -5.11
C LYS A 155 -2.76 18.34 -5.12
N GLY A 156 -3.10 18.85 -6.30
CA GLY A 156 -3.82 20.11 -6.37
C GLY A 156 -5.24 20.03 -5.87
N ALA A 157 -5.79 18.83 -5.79
CA ALA A 157 -7.07 18.68 -5.13
C ALA A 157 -6.95 18.40 -3.65
N LEU A 158 -5.76 18.05 -3.16
CA LEU A 158 -5.57 17.65 -1.76
C LEU A 158 -4.89 18.79 -0.99
N THR A 159 -5.62 19.88 -0.83
CA THR A 159 -5.07 21.06 -0.18
C THR A 159 -5.70 21.23 1.21
N LYS A 160 -5.11 22.14 1.99
CA LYS A 160 -5.66 22.44 3.31
C LYS A 160 -7.11 22.85 3.22
N GLU A 161 -7.45 23.69 2.24
CA GLU A 161 -8.84 24.10 2.04
C GLU A 161 -9.70 22.91 1.66
N ALA A 162 -9.18 22.00 0.83
CA ALA A 162 -9.93 20.78 0.54
C ALA A 162 -10.14 19.96 1.83
N PHE A 163 -9.09 19.82 2.64
CA PHE A 163 -9.23 19.05 3.87
C PHE A 163 -10.23 19.69 4.82
N LYS A 164 -10.24 21.02 4.89
CA LYS A 164 -11.23 21.69 5.74
C LYS A 164 -12.64 21.32 5.31
N SER A 165 -12.88 21.20 4.02
CA SER A 165 -14.24 20.83 3.64
C SER A 165 -14.46 19.33 3.67
N TYR A 166 -13.40 18.51 3.62
CA TYR A 166 -13.59 17.05 3.72
C TYR A 166 -13.95 16.62 5.13
N VAL A 167 -13.53 17.38 6.14
CA VAL A 167 -13.61 16.92 7.53
C VAL A 167 -15.08 16.71 7.91
N PRO A 168 -15.96 17.70 7.75
CA PRO A 168 -17.38 17.45 8.10
C PRO A 168 -18.04 16.37 7.26
N LEU A 169 -17.59 16.16 6.01
CA LEU A 169 -18.17 15.12 5.17
C LEU A 169 -17.76 13.73 5.63
N ILE A 170 -16.47 13.56 5.92
CA ILE A 170 -15.99 12.30 6.50
C ILE A 170 -16.69 12.04 7.83
N ALA A 171 -16.85 13.07 8.65
CA ALA A 171 -17.50 12.87 9.94
C ALA A 171 -18.94 12.43 9.75
N GLU A 172 -19.66 13.05 8.82
CA GLU A 172 -21.03 12.62 8.57
C GLU A 172 -21.07 11.14 8.17
N GLU A 173 -20.12 10.71 7.31
CA GLU A 173 -20.09 9.32 6.87
C GLU A 173 -19.82 8.36 8.03
N VAL A 174 -18.90 8.73 8.93
CA VAL A 174 -18.64 7.87 10.09
C VAL A 174 -19.90 7.74 10.94
N TYR A 175 -20.55 8.87 11.25
CA TYR A 175 -21.76 8.82 12.09
C TYR A 175 -22.86 8.03 11.41
N LYS A 176 -23.06 8.25 10.10
CA LYS A 176 -24.05 7.47 9.35
C LYS A 176 -23.74 5.98 9.44
N TYR A 177 -22.46 5.62 9.34
CA TYR A 177 -22.08 4.22 9.46
C TYR A 177 -22.38 3.68 10.87
N PHE A 178 -22.09 4.46 11.92
CA PHE A 178 -22.47 4.04 13.26
C PHE A 178 -23.99 3.86 13.38
N ARG A 179 -24.76 4.71 12.70
CA ARG A 179 -26.23 4.65 12.78
C ARG A 179 -26.79 3.48 11.99
N ASP A 180 -26.32 3.27 10.76
CA ASP A 180 -27.03 2.39 9.82
C ASP A 180 -26.38 1.02 9.64
N SER A 181 -25.07 0.90 9.81
CA SER A 181 -24.43 -0.37 9.52
C SER A 181 -24.88 -1.44 10.51
N LYS A 182 -25.15 -2.64 10.00
CA LYS A 182 -25.50 -3.77 10.85
C LYS A 182 -24.43 -4.05 11.90
N ASN A 183 -23.20 -3.58 11.67
CA ASN A 183 -22.11 -3.83 12.61
C ASN A 183 -22.22 -2.99 13.86
N PHE A 184 -22.97 -1.89 13.80
CA PHE A 184 -23.13 -1.00 14.94
C PHE A 184 -24.61 -0.80 15.29
N ARG A 185 -25.31 0.05 14.55
CA ARG A 185 -26.68 0.45 14.90
C ARG A 185 -26.70 1.01 16.32
N LEU A 186 -25.98 2.13 16.50
CA LEU A 186 -25.82 2.69 17.83
C LEU A 186 -27.12 3.21 18.41
N ASN A 187 -28.13 3.49 17.58
CA ASN A 187 -29.42 3.92 18.14
C ASN A 187 -30.19 2.77 18.74
N GLU A 188 -29.85 1.54 18.41
CA GLU A 188 -30.56 0.35 18.88
C GLU A 188 -29.76 -0.53 19.81
N ARG A 189 -28.43 -0.51 19.70
CA ARG A 189 -27.58 -1.38 20.51
C ARG A 189 -26.52 -0.52 21.17
N THR A 190 -26.20 -0.85 22.44
CA THR A 190 -25.17 -0.13 23.19
C THR A 190 -23.86 -0.89 23.26
N THR A 191 -23.82 -2.12 22.75
CA THR A 191 -22.58 -2.88 22.67
C THR A 191 -22.73 -3.91 21.57
N GLY A 192 -21.60 -4.39 21.07
CA GLY A 192 -21.61 -5.42 20.03
C GLY A 192 -20.20 -5.84 19.69
N THR A 193 -20.11 -6.87 18.86
CA THR A 193 -18.83 -7.38 18.38
C THR A 193 -18.71 -7.13 16.88
N ILE A 194 -17.54 -6.66 16.43
CA ILE A 194 -17.28 -6.41 15.03
C ILE A 194 -15.97 -7.05 14.62
N ASP A 195 -15.92 -7.46 13.36
CA ASP A 195 -14.66 -7.80 12.70
C ASP A 195 -14.16 -6.52 12.05
N VAL A 196 -12.99 -6.04 12.49
CA VAL A 196 -12.47 -4.79 11.96
C VAL A 196 -12.04 -4.92 10.50
N MET A 197 -11.82 -6.13 10.00
CA MET A 197 -11.56 -6.27 8.57
C MET A 197 -12.84 -6.36 7.76
N VAL A 198 -13.99 -6.20 8.39
CA VAL A 198 -15.23 -5.95 7.71
C VAL A 198 -15.59 -4.48 7.78
N THR A 199 -15.55 -3.92 8.99
CA THR A 199 -15.97 -2.53 9.18
C THR A 199 -15.02 -1.54 8.51
N GLN A 200 -13.71 -1.76 8.61
CA GLN A 200 -12.79 -0.70 8.18
C GLN A 200 -12.77 -0.54 6.67
N PRO A 201 -12.73 -1.61 5.84
CA PRO A 201 -12.87 -1.39 4.39
C PRO A 201 -14.15 -0.62 4.02
N GLU A 202 -15.27 -0.94 4.68
CA GLU A 202 -16.53 -0.26 4.40
C GLU A 202 -16.48 1.22 4.78
N MET A 203 -16.02 1.52 6.02
CA MET A 203 -15.91 2.91 6.44
C MET A 203 -14.91 3.65 5.57
N THR A 204 -13.85 2.96 5.16
CA THR A 204 -12.85 3.61 4.33
C THR A 204 -13.44 3.98 2.97
N ILE A 205 -14.11 3.03 2.31
CA ILE A 205 -14.62 3.34 0.98
C ILE A 205 -15.76 4.36 1.03
N PHE A 206 -16.60 4.30 2.08
CA PHE A 206 -17.67 5.28 2.25
C PHE A 206 -17.10 6.68 2.45
N THR A 207 -16.07 6.82 3.30
CA THR A 207 -15.54 8.15 3.60
C THR A 207 -14.70 8.68 2.43
N ALA A 208 -13.90 7.82 1.81
CA ALA A 208 -13.09 8.26 0.68
C ALA A 208 -13.95 8.59 -0.56
N SER A 209 -15.00 7.81 -0.80
CA SER A 209 -15.94 8.11 -1.89
C SER A 209 -16.57 9.48 -1.71
N ARG A 210 -17.17 9.71 -0.54
CA ARG A 210 -17.89 10.97 -0.31
C ARG A 210 -16.99 12.16 -0.53
N SER A 211 -15.78 12.14 0.04
CA SER A 211 -14.91 13.32 0.00
C SER A 211 -14.17 13.45 -1.32
N LEU A 212 -13.55 12.36 -1.82
CA LEU A 212 -12.78 12.49 -3.05
C LEU A 212 -13.66 12.46 -4.30
N LEU A 213 -14.69 11.62 -4.33
CA LEU A 213 -15.48 11.41 -5.53
C LEU A 213 -16.77 12.22 -5.56
N GLY A 214 -17.32 12.55 -4.38
CA GLY A 214 -18.50 13.37 -4.25
C GLY A 214 -19.74 12.56 -3.94
N LYS A 215 -20.85 13.28 -3.85
CA LYS A 215 -22.07 12.68 -3.30
C LYS A 215 -22.65 11.63 -4.25
N GLU A 216 -22.63 11.91 -5.56
CA GLU A 216 -23.19 10.97 -6.54
C GLU A 216 -22.53 9.62 -6.42
N MET A 217 -21.19 9.61 -6.47
CA MET A 217 -20.45 8.35 -6.41
C MET A 217 -20.62 7.68 -5.06
N ARG A 218 -20.74 8.46 -3.98
CA ARG A 218 -21.07 7.88 -2.69
C ARG A 218 -22.43 7.20 -2.75
N ALA A 219 -23.43 7.89 -3.31
CA ALA A 219 -24.77 7.29 -3.40
C ALA A 219 -24.73 5.97 -4.16
N LYS A 220 -23.86 5.84 -5.17
CA LYS A 220 -23.82 4.59 -5.95
C LYS A 220 -23.49 3.37 -5.09
N LEU A 221 -22.75 3.55 -3.99
CA LEU A 221 -22.35 2.42 -3.15
C LEU A 221 -23.50 1.81 -2.36
N ASP A 222 -24.64 2.51 -2.22
CA ASP A 222 -25.84 1.92 -1.68
C ASP A 222 -26.63 1.09 -2.72
N THR A 223 -26.06 0.82 -3.89
CA THR A 223 -26.75 0.07 -4.93
C THR A 223 -25.93 -1.18 -5.28
N ASP A 224 -26.44 -1.93 -6.28
CA ASP A 224 -25.74 -3.08 -6.81
C ASP A 224 -24.37 -2.70 -7.34
N PHE A 225 -24.20 -1.43 -7.68
CA PHE A 225 -22.92 -0.92 -8.16
C PHE A 225 -21.78 -1.30 -7.23
N ALA A 226 -22.04 -1.29 -5.91
CA ALA A 226 -21.02 -1.65 -4.93
C ALA A 226 -20.34 -2.98 -5.24
N TYR A 227 -21.06 -3.91 -5.89
CA TYR A 227 -20.45 -5.19 -6.20
C TYR A 227 -19.34 -5.06 -7.23
N LEU A 228 -19.41 -4.04 -8.09
CA LEU A 228 -18.32 -3.80 -9.04
C LEU A 228 -17.03 -3.44 -8.30
N TYR A 229 -17.12 -2.61 -7.26
CA TYR A 229 -15.94 -2.32 -6.45
C TYR A 229 -15.33 -3.58 -5.86
N SER A 230 -16.19 -4.45 -5.34
CA SER A 230 -15.72 -5.75 -4.86
C SER A 230 -15.03 -6.53 -5.97
N ASP A 231 -15.65 -6.60 -7.16
CA ASP A 231 -15.05 -7.30 -8.29
C ASP A 231 -13.72 -6.67 -8.68
N LEU A 232 -13.68 -5.35 -8.79
CA LEU A 232 -12.43 -4.69 -9.13
C LEU A 232 -11.39 -4.92 -8.04
N ASP A 233 -11.84 -4.92 -6.78
CA ASP A 233 -10.93 -5.15 -5.66
C ASP A 233 -10.20 -6.48 -5.78
N LYS A 234 -10.85 -7.50 -6.35
CA LYS A 234 -10.25 -8.82 -6.50
C LYS A 234 -9.07 -8.82 -7.46
N GLY A 235 -9.08 -7.94 -8.46
CA GLY A 235 -7.92 -7.84 -9.33
C GLY A 235 -6.71 -7.23 -8.68
N PHE A 236 -6.87 -6.65 -7.49
CA PHE A 236 -5.75 -6.04 -6.77
C PHE A 236 -5.20 -7.05 -5.77
N THR A 237 -4.37 -7.98 -6.29
CA THR A 237 -3.74 -9.04 -5.51
C THR A 237 -2.36 -9.30 -6.07
N PRO A 238 -1.39 -9.70 -5.23
CA PRO A 238 -0.02 -9.89 -5.72
C PRO A 238 0.11 -10.94 -6.82
N ILE A 239 -0.87 -11.85 -6.96
CA ILE A 239 -0.87 -12.81 -8.06
C ILE A 239 -0.63 -12.11 -9.39
N ASN A 240 -1.25 -10.94 -9.57
CA ASN A 240 -1.17 -10.21 -10.83
C ASN A 240 0.25 -9.79 -11.18
N PHE A 241 1.16 -9.78 -10.21
CA PHE A 241 2.57 -9.62 -10.52
C PHE A 241 3.11 -10.79 -11.33
N VAL A 242 2.55 -11.98 -11.15
CA VAL A 242 3.01 -13.16 -11.89
C VAL A 242 2.12 -13.38 -13.09
N PHE A 243 0.84 -13.64 -12.84
CA PHE A 243 -0.15 -13.87 -13.88
C PHE A 243 -1.11 -12.68 -13.95
N PRO A 244 -0.75 -11.61 -14.64
CA PRO A 244 -1.67 -10.46 -14.75
C PRO A 244 -2.94 -10.79 -15.52
N ASN A 245 -2.89 -11.73 -16.46
CA ASN A 245 -4.06 -12.12 -17.22
C ASN A 245 -4.09 -13.62 -17.37
N LEU A 246 -5.22 -14.22 -17.01
CA LEU A 246 -5.49 -15.63 -17.13
C LEU A 246 -6.94 -15.70 -17.57
N PRO A 247 -7.28 -16.61 -18.48
CA PRO A 247 -8.67 -16.74 -18.94
C PRO A 247 -9.63 -17.30 -17.90
N LEU A 248 -9.49 -16.87 -16.64
CA LEU A 248 -10.37 -17.27 -15.56
C LEU A 248 -11.45 -16.22 -15.34
N GLU A 249 -12.45 -16.58 -14.52
CA GLU A 249 -13.63 -15.74 -14.40
C GLU A 249 -13.33 -14.44 -13.66
N HIS A 250 -12.71 -14.53 -12.49
CA HIS A 250 -12.50 -13.33 -11.69
C HIS A 250 -11.60 -12.32 -12.39
N TYR A 251 -10.78 -12.78 -13.35
CA TYR A 251 -10.08 -11.85 -14.23
C TYR A 251 -11.04 -11.09 -15.13
N ARG A 252 -12.14 -11.73 -15.55
CA ARG A 252 -13.10 -11.05 -16.41
C ARG A 252 -14.03 -10.15 -15.63
N LYS A 253 -14.40 -10.55 -14.41
CA LYS A 253 -15.15 -9.67 -13.53
C LYS A 253 -14.35 -8.41 -13.22
N ARG A 254 -13.04 -8.55 -13.04
CA ARG A 254 -12.18 -7.39 -12.81
C ARG A 254 -12.21 -6.45 -14.01
N ASP A 255 -11.94 -6.99 -15.21
CA ASP A 255 -11.95 -6.17 -16.40
C ASP A 255 -13.30 -5.50 -16.60
N HIS A 256 -14.39 -6.23 -16.35
CA HIS A 256 -15.72 -5.65 -16.52
C HIS A 256 -15.95 -4.53 -15.52
N ALA A 257 -15.56 -4.74 -14.26
CA ALA A 257 -15.68 -3.70 -13.23
C ALA A 257 -14.93 -2.43 -13.64
N GLN A 258 -13.70 -2.57 -14.14
CA GLN A 258 -12.92 -1.40 -14.52
C GLN A 258 -13.66 -0.58 -15.58
N LYS A 259 -14.15 -1.26 -16.62
CA LYS A 259 -14.95 -0.59 -17.64
C LYS A 259 -16.21 0.02 -17.03
N ALA A 260 -16.95 -0.75 -16.23
CA ALA A 260 -18.19 -0.23 -15.67
C ALA A 260 -17.94 0.95 -14.75
N ILE A 261 -16.92 0.86 -13.87
CA ILE A 261 -16.66 1.93 -12.92
C ILE A 261 -16.13 3.17 -13.66
N SER A 262 -15.09 2.99 -14.49
CA SER A 262 -14.60 4.14 -15.25
C SER A 262 -15.71 4.76 -16.11
N GLY A 263 -16.62 3.93 -16.61
CA GLY A 263 -17.74 4.46 -17.37
C GLY A 263 -18.68 5.30 -16.50
N THR A 264 -18.93 4.84 -15.27
CA THR A 264 -19.71 5.65 -14.34
C THR A 264 -19.04 6.99 -14.08
N TYR A 265 -17.72 6.97 -13.83
CA TYR A 265 -17.01 8.23 -13.60
C TYR A 265 -17.09 9.13 -14.83
N MET A 266 -16.84 8.57 -16.03
CA MET A 266 -16.93 9.37 -17.26
C MET A 266 -18.33 9.92 -17.47
N SER A 267 -19.36 9.14 -17.16
CA SER A 267 -20.71 9.67 -17.30
C SER A 267 -20.89 10.94 -16.47
N LEU A 268 -20.36 10.93 -15.25
CA LEU A 268 -20.51 12.08 -14.38
C LEU A 268 -19.68 13.25 -14.89
N ILE A 269 -18.46 12.97 -15.34
CA ILE A 269 -17.58 14.00 -15.86
C ILE A 269 -18.23 14.70 -17.05
N LYS A 270 -18.76 13.91 -17.99
CA LYS A 270 -19.40 14.48 -19.17
C LYS A 270 -20.69 15.21 -18.83
N GLU A 271 -21.46 14.70 -17.86
CA GLU A 271 -22.64 15.45 -17.41
C GLU A 271 -22.25 16.81 -16.85
N ARG A 272 -21.24 16.84 -15.98
CA ARG A 272 -20.84 18.09 -15.36
C ARG A 272 -20.38 19.11 -16.39
N ARG A 273 -19.58 18.67 -17.37
CA ARG A 273 -19.15 19.59 -18.42
C ARG A 273 -20.35 20.08 -19.23
N LYS A 274 -21.28 19.17 -19.54
CA LYS A 274 -22.44 19.54 -20.35
C LYS A 274 -23.27 20.63 -19.68
N ASN A 275 -23.47 20.51 -18.37
CA ASN A 275 -24.25 21.48 -17.60
C ASN A 275 -23.39 22.62 -17.04
N ASN A 276 -22.13 22.72 -17.47
CA ASN A 276 -21.15 23.66 -16.91
C ASN A 276 -21.06 23.57 -15.38
N ASP A 277 -21.42 22.42 -14.82
CA ASP A 277 -21.45 22.25 -13.37
C ASP A 277 -20.09 21.77 -12.87
N ILE A 278 -19.09 22.64 -12.95
CA ILE A 278 -17.72 22.31 -12.59
C ILE A 278 -17.28 23.26 -11.49
N GLN A 279 -17.42 22.82 -10.24
CA GLN A 279 -17.06 23.62 -9.06
C GLN A 279 -15.73 23.16 -8.46
N ASP A 280 -15.62 23.22 -7.13
CA ASP A 280 -14.45 22.75 -6.40
C ASP A 280 -14.88 21.83 -5.28
N ARG A 281 -15.76 20.87 -5.60
CA ARG A 281 -16.31 20.00 -4.57
C ARG A 281 -15.37 18.85 -4.24
N ASP A 282 -14.81 18.21 -5.27
CA ASP A 282 -14.21 16.89 -5.12
C ASP A 282 -13.05 16.75 -6.10
N LEU A 283 -12.39 15.59 -6.06
CA LEU A 283 -11.28 15.35 -6.97
C LEU A 283 -11.72 15.33 -8.45
N ILE A 284 -12.99 15.03 -8.73
CA ILE A 284 -13.46 15.02 -10.12
C ILE A 284 -13.48 16.45 -10.68
N ASP A 285 -14.13 17.38 -9.97
CA ASP A 285 -14.04 18.79 -10.30
C ASP A 285 -12.60 19.22 -10.55
N SER A 286 -11.70 18.86 -9.63
CA SER A 286 -10.33 19.32 -9.73
C SER A 286 -9.63 18.79 -10.98
N LEU A 287 -9.85 17.51 -11.32
CA LEU A 287 -9.18 16.96 -12.49
C LEU A 287 -9.83 17.47 -13.77
N MET A 288 -11.11 17.82 -13.72
CA MET A 288 -11.73 18.42 -14.89
C MET A 288 -11.12 19.77 -15.18
N LYS A 289 -10.73 20.51 -14.15
CA LYS A 289 -10.16 21.84 -14.36
C LYS A 289 -8.65 21.82 -14.52
N ASN A 290 -7.98 20.71 -14.20
CA ASN A 290 -6.54 20.77 -14.04
C ASN A 290 -5.97 19.38 -14.31
N SER A 291 -5.99 19.02 -15.60
CA SER A 291 -5.45 17.74 -16.06
C SER A 291 -4.82 17.90 -17.45
N THR A 292 -4.15 19.03 -17.68
CA THR A 292 -3.43 19.28 -18.93
C THR A 292 -1.95 19.17 -18.65
N TYR A 293 -1.29 18.24 -19.32
CA TYR A 293 0.14 18.10 -19.18
C TYR A 293 0.87 19.35 -19.65
N LYS A 294 2.15 19.43 -19.26
CA LYS A 294 2.92 20.64 -19.56
C LYS A 294 3.24 20.77 -21.05
N ASP A 295 3.24 19.67 -21.80
CA ASP A 295 3.36 19.71 -23.26
C ASP A 295 2.03 20.02 -23.95
N GLY A 296 0.98 20.40 -23.20
CA GLY A 296 -0.30 20.80 -23.75
C GLY A 296 -1.31 19.69 -23.98
N VAL A 297 -0.90 18.43 -23.94
CA VAL A 297 -1.87 17.34 -24.08
C VAL A 297 -2.78 17.30 -22.87
N LYS A 298 -4.08 17.16 -23.12
CA LYS A 298 -5.05 16.96 -22.06
C LYS A 298 -5.24 15.48 -21.77
N MET A 299 -5.47 15.17 -20.48
CA MET A 299 -5.94 13.83 -20.13
C MET A 299 -7.31 13.59 -20.74
N THR A 300 -7.51 12.40 -21.26
CA THR A 300 -8.83 12.04 -21.74
C THR A 300 -9.78 11.80 -20.57
N ASP A 301 -11.07 11.83 -20.88
CA ASP A 301 -12.04 11.49 -19.85
C ASP A 301 -11.79 10.08 -19.32
N GLN A 302 -11.38 9.15 -20.19
CA GLN A 302 -11.04 7.80 -19.75
C GLN A 302 -9.83 7.80 -18.81
N GLU A 303 -8.81 8.59 -19.12
CA GLU A 303 -7.62 8.62 -18.27
C GLU A 303 -7.91 9.26 -16.92
N ILE A 304 -8.73 10.30 -16.90
CA ILE A 304 -9.17 10.88 -15.64
C ILE A 304 -9.88 9.85 -14.79
N ALA A 305 -10.83 9.13 -15.38
CA ALA A 305 -11.56 8.08 -14.65
C ALA A 305 -10.62 6.97 -14.18
N ASN A 306 -9.66 6.59 -15.02
CA ASN A 306 -8.70 5.57 -14.59
C ASN A 306 -7.86 6.10 -13.44
N LEU A 307 -7.46 7.36 -13.49
CA LEU A 307 -6.70 7.98 -12.40
C LEU A 307 -7.51 7.98 -11.10
N LEU A 308 -8.80 8.34 -11.19
CA LEU A 308 -9.71 8.28 -10.04
C LEU A 308 -9.74 6.88 -9.43
N ILE A 309 -9.77 5.84 -10.27
CA ILE A 309 -9.78 4.48 -9.77
C ILE A 309 -8.48 4.18 -9.02
N GLY A 310 -7.35 4.56 -9.61
CA GLY A 310 -6.08 4.28 -8.96
C GLY A 310 -5.96 4.95 -7.61
N VAL A 311 -6.31 6.25 -7.55
CA VAL A 311 -6.22 7.01 -6.31
C VAL A 311 -7.12 6.40 -5.24
N LEU A 312 -8.35 6.04 -5.63
CA LEU A 312 -9.31 5.47 -4.68
C LEU A 312 -8.87 4.10 -4.20
N MET A 313 -8.32 3.29 -5.09
CA MET A 313 -7.87 1.95 -4.72
C MET A 313 -6.62 2.01 -3.85
N GLY A 314 -5.74 2.96 -4.12
CA GLY A 314 -4.52 3.07 -3.33
C GLY A 314 -4.82 3.55 -1.92
N GLY A 315 -5.60 4.63 -1.81
CA GLY A 315 -6.08 5.05 -0.51
C GLY A 315 -6.88 3.99 0.20
N GLN A 316 -7.58 3.12 -0.54
CA GLN A 316 -8.47 2.14 0.08
C GLN A 316 -7.72 1.17 0.97
N HIS A 317 -6.70 0.50 0.42
CA HIS A 317 -6.11 -0.62 1.14
C HIS A 317 -5.13 -0.17 2.23
N THR A 318 -4.34 0.86 1.95
CA THR A 318 -3.45 1.40 2.98
C THR A 318 -4.24 1.93 4.16
N SER A 319 -5.31 2.68 3.89
CA SER A 319 -6.02 3.32 5.00
C SER A 319 -6.83 2.30 5.80
N ALA A 320 -7.54 1.40 5.13
CA ALA A 320 -8.40 0.44 5.84
C ALA A 320 -7.57 -0.49 6.71
N ALA A 321 -6.41 -0.91 6.22
CA ALA A 321 -5.53 -1.72 7.06
C ALA A 321 -5.02 -0.92 8.25
N THR A 322 -4.69 0.36 8.04
CA THR A 322 -4.15 1.19 9.12
C THR A 322 -5.19 1.45 10.19
N SER A 323 -6.43 1.73 9.81
CA SER A 323 -7.40 1.99 10.87
C SER A 323 -7.77 0.71 11.59
N ALA A 324 -7.74 -0.44 10.89
CA ALA A 324 -7.91 -1.71 11.57
C ALA A 324 -6.82 -1.91 12.62
N TRP A 325 -5.56 -1.68 12.24
CA TRP A 325 -4.46 -1.80 13.18
C TRP A 325 -4.61 -0.84 14.36
N ILE A 326 -5.06 0.39 14.11
CA ILE A 326 -5.23 1.33 15.23
C ILE A 326 -6.21 0.75 16.25
N LEU A 327 -7.37 0.28 15.75
CA LEU A 327 -8.40 -0.30 16.62
C LEU A 327 -7.86 -1.52 17.37
N LEU A 328 -7.12 -2.38 16.66
CA LEU A 328 -6.58 -3.59 17.28
C LEU A 328 -5.56 -3.25 18.36
N HIS A 329 -4.64 -2.31 18.11
CA HIS A 329 -3.68 -1.98 19.15
C HIS A 329 -4.33 -1.28 20.33
N LEU A 330 -5.35 -0.45 20.07
CA LEU A 330 -5.97 0.25 21.19
C LEU A 330 -6.91 -0.62 21.98
N ALA A 331 -7.38 -1.74 21.40
CA ALA A 331 -8.31 -2.63 22.09
C ALA A 331 -7.69 -3.29 23.31
N GLU A 332 -6.36 -3.37 23.37
CA GLU A 332 -5.67 -3.86 24.57
C GLU A 332 -4.94 -2.73 25.31
N ARG A 333 -5.24 -1.48 24.98
CA ARG A 333 -4.62 -0.34 25.66
C ARG A 333 -5.70 0.63 26.08
N PRO A 334 -6.51 0.25 27.08
CA PRO A 334 -7.50 1.20 27.60
C PRO A 334 -6.86 2.44 28.19
N ASP A 335 -5.57 2.39 28.58
CA ASP A 335 -4.88 3.60 29.00
C ASP A 335 -4.71 4.59 27.84
N VAL A 336 -4.41 4.09 26.65
CA VAL A 336 -4.27 4.99 25.50
C VAL A 336 -5.63 5.55 25.09
N GLN A 337 -6.68 4.72 25.08
CA GLN A 337 -8.02 5.23 24.77
C GLN A 337 -8.40 6.35 25.73
N GLN A 338 -8.12 6.15 27.02
CA GLN A 338 -8.39 7.17 28.02
C GLN A 338 -7.64 8.45 27.72
N GLU A 339 -6.33 8.33 27.51
CA GLU A 339 -5.49 9.47 27.18
C GLU A 339 -5.98 10.17 25.91
N LEU A 340 -6.31 9.40 24.86
CA LEU A 340 -6.86 10.03 23.66
C LEU A 340 -8.19 10.72 23.95
N TYR A 341 -9.05 10.08 24.76
CA TYR A 341 -10.33 10.69 25.09
C TYR A 341 -10.14 12.02 25.82
N GLU A 342 -9.20 12.10 26.77
CA GLU A 342 -8.95 13.37 27.46
C GLU A 342 -8.55 14.46 26.47
N GLU A 343 -7.77 14.10 25.45
CA GLU A 343 -7.35 15.08 24.46
C GLU A 343 -8.54 15.56 23.63
N GLN A 344 -9.43 14.64 23.25
CA GLN A 344 -10.66 15.02 22.57
C GLN A 344 -11.47 16.01 23.40
N MET A 345 -11.63 15.72 24.71
CA MET A 345 -12.41 16.61 25.58
C MET A 345 -11.76 17.98 25.68
N ARG A 346 -10.43 18.00 25.75
CA ARG A 346 -9.74 19.28 25.88
C ARG A 346 -9.80 20.10 24.59
N VAL A 347 -9.49 19.47 23.46
CA VAL A 347 -9.39 20.25 22.22
C VAL A 347 -10.78 20.67 21.72
N LEU A 348 -11.80 19.84 21.93
CA LEU A 348 -13.14 20.15 21.45
C LEU A 348 -14.07 20.66 22.56
N ASP A 349 -13.50 21.12 23.68
CA ASP A 349 -14.25 21.72 24.77
C ASP A 349 -15.42 20.82 25.19
N GLY A 350 -15.06 19.59 25.55
CA GLY A 350 -16.03 18.64 26.04
C GLY A 350 -17.01 18.13 25.01
N GLY A 351 -16.69 18.28 23.71
CA GLY A 351 -17.64 17.99 22.67
C GLY A 351 -18.50 19.17 22.26
N LYS A 352 -18.33 20.33 22.88
CA LYS A 352 -19.11 21.49 22.47
C LYS A 352 -18.57 22.15 21.21
N LYS A 353 -17.36 21.80 20.77
CA LYS A 353 -16.83 22.29 19.50
C LYS A 353 -16.99 21.20 18.45
N GLU A 354 -17.42 21.60 17.27
CA GLU A 354 -17.40 20.72 16.12
C GLU A 354 -15.96 20.46 15.66
N LEU A 355 -15.68 19.23 15.27
CA LEU A 355 -14.37 18.89 14.74
C LEU A 355 -14.11 19.59 13.41
N THR A 356 -12.94 20.22 13.28
CA THR A 356 -12.49 20.87 12.05
C THR A 356 -11.10 20.35 11.72
N TYR A 357 -10.67 20.61 10.47
CA TYR A 357 -9.31 20.26 10.10
C TYR A 357 -8.28 20.95 10.99
N ASP A 358 -8.53 22.20 11.39
CA ASP A 358 -7.56 22.90 12.22
C ASP A 358 -7.49 22.28 13.61
N LEU A 359 -8.65 21.97 14.21
CA LEU A 359 -8.65 21.34 15.53
C LEU A 359 -7.97 19.97 15.48
N LEU A 360 -8.18 19.22 14.39
CA LEU A 360 -7.44 17.97 14.18
C LEU A 360 -5.93 18.15 14.33
N GLN A 361 -5.40 19.27 13.81
CA GLN A 361 -3.97 19.53 13.92
C GLN A 361 -3.54 19.89 15.35
N GLU A 362 -4.47 20.23 16.23
CA GLU A 362 -4.19 20.41 17.64
C GLU A 362 -4.41 19.13 18.45
N MET A 363 -4.38 17.96 17.81
CA MET A 363 -4.57 16.69 18.52
C MET A 363 -3.31 15.84 18.41
N PRO A 364 -2.22 16.22 19.10
CA PRO A 364 -0.94 15.52 18.85
C PRO A 364 -0.98 14.05 19.23
N LEU A 365 -1.62 13.69 20.35
CA LEU A 365 -1.65 12.28 20.75
C LEU A 365 -2.39 11.44 19.71
N LEU A 366 -3.51 11.94 19.19
CA LEU A 366 -4.22 11.19 18.15
C LEU A 366 -3.35 10.98 16.92
N ASN A 367 -2.67 12.04 16.48
CA ASN A 367 -1.79 11.93 15.32
C ASN A 367 -0.58 11.03 15.62
N GLN A 368 -0.07 11.07 16.86
CA GLN A 368 1.00 10.16 17.25
C GLN A 368 0.54 8.72 17.22
N THR A 369 -0.75 8.48 17.51
CA THR A 369 -1.28 7.13 17.46
C THR A 369 -1.27 6.59 16.02
N ILE A 370 -1.68 7.43 15.06
CA ILE A 370 -1.57 7.06 13.65
C ILE A 370 -0.10 6.82 13.27
N LYS A 371 0.76 7.77 13.66
CA LYS A 371 2.18 7.68 13.34
C LYS A 371 2.80 6.40 13.87
N GLU A 372 2.44 6.01 15.10
CA GLU A 372 3.01 4.82 15.72
C GLU A 372 2.47 3.56 15.08
N THR A 373 1.17 3.56 14.73
CA THR A 373 0.61 2.44 13.99
C THR A 373 1.31 2.24 12.66
N LEU A 374 1.54 3.33 11.92
CA LEU A 374 2.26 3.22 10.67
C LEU A 374 3.70 2.80 10.86
N ARG A 375 4.29 3.07 12.04
CA ARG A 375 5.62 2.51 12.28
C ARG A 375 5.53 1.00 12.40
N MET A 376 4.65 0.50 13.26
CA MET A 376 4.61 -0.94 13.51
C MET A 376 3.97 -1.70 12.37
N HIS A 377 3.17 -1.03 11.52
CA HIS A 377 2.43 -1.69 10.45
C HIS A 377 2.56 -0.88 9.17
N HIS A 378 3.76 -0.85 8.62
CA HIS A 378 3.90 -0.29 7.29
C HIS A 378 3.02 -1.09 6.33
N PRO A 379 2.06 -0.46 5.65
CA PRO A 379 1.15 -1.21 4.78
C PRO A 379 1.87 -1.99 3.68
N LEU A 380 3.00 -1.49 3.20
CA LEU A 380 3.68 -2.09 2.06
C LEU A 380 5.06 -2.55 2.52
N HIS A 381 5.24 -3.86 2.64
CA HIS A 381 6.47 -4.30 3.28
C HIS A 381 7.65 -4.26 2.32
N SER A 382 7.39 -4.28 1.01
CA SER A 382 8.45 -4.36 0.00
C SER A 382 8.08 -3.46 -1.16
N LEU A 383 8.90 -2.46 -1.43
CA LEU A 383 8.76 -1.64 -2.62
C LEU A 383 9.87 -2.01 -3.58
N PHE A 384 9.54 -2.06 -4.87
CA PHE A 384 10.43 -2.58 -5.89
C PHE A 384 10.65 -1.56 -7.00
N ARG A 385 11.78 -1.75 -7.68
CA ARG A 385 12.08 -1.16 -8.96
C ARG A 385 12.73 -2.26 -9.80
N LYS A 386 12.57 -2.17 -11.12
CA LYS A 386 13.38 -2.99 -12.01
C LYS A 386 14.64 -2.21 -12.36
N VAL A 387 15.78 -2.88 -12.30
CA VAL A 387 17.05 -2.23 -12.65
C VAL A 387 17.18 -2.17 -14.17
N MET A 388 17.41 -0.96 -14.68
CA MET A 388 17.48 -0.73 -16.13
C MET A 388 18.90 -0.59 -16.66
N LYS A 389 19.84 -0.20 -15.82
CA LYS A 389 21.26 -0.11 -16.16
C LYS A 389 22.05 -0.66 -14.97
N ASP A 390 23.19 -1.29 -15.25
CA ASP A 390 24.00 -1.81 -14.15
C ASP A 390 24.24 -0.72 -13.11
N MET A 391 24.17 -1.09 -11.84
CA MET A 391 24.28 -0.15 -10.73
C MET A 391 25.41 -0.60 -9.80
N HIS A 392 26.37 0.30 -9.62
CA HIS A 392 27.42 0.10 -8.62
C HIS A 392 26.89 0.48 -7.25
N VAL A 393 26.98 -0.44 -6.30
CA VAL A 393 26.62 -0.19 -4.92
C VAL A 393 27.77 0.57 -4.27
N PRO A 394 27.58 1.84 -3.90
CA PRO A 394 28.69 2.64 -3.36
C PRO A 394 29.33 2.01 -2.14
N ASN A 395 30.65 2.22 -2.02
CA ASN A 395 31.48 1.68 -0.94
C ASN A 395 31.52 0.16 -0.95
N THR A 396 31.16 -0.47 -2.06
CA THR A 396 31.30 -1.91 -2.23
C THR A 396 31.86 -2.19 -3.63
N SER A 397 32.15 -3.47 -3.87
CA SER A 397 32.50 -3.97 -5.19
C SER A 397 31.30 -4.55 -5.93
N TYR A 398 30.10 -4.41 -5.36
CA TYR A 398 28.90 -5.00 -5.94
C TYR A 398 28.41 -4.22 -7.15
N VAL A 399 27.97 -4.93 -8.18
CA VAL A 399 27.26 -4.35 -9.30
C VAL A 399 25.93 -5.08 -9.44
N ILE A 400 24.84 -4.31 -9.45
CA ILE A 400 23.50 -4.85 -9.68
C ILE A 400 23.21 -4.72 -11.17
N PRO A 401 23.16 -5.81 -11.92
CA PRO A 401 22.98 -5.70 -13.38
C PRO A 401 21.55 -5.42 -13.78
N ALA A 402 21.41 -4.79 -14.96
CA ALA A 402 20.10 -4.51 -15.51
C ALA A 402 19.31 -5.80 -15.66
N GLY A 403 18.01 -5.75 -15.36
CA GLY A 403 17.17 -6.93 -15.33
C GLY A 403 17.00 -7.54 -13.96
N TYR A 404 17.88 -7.22 -13.03
CA TYR A 404 17.61 -7.47 -11.62
C TYR A 404 16.50 -6.54 -11.13
N HIS A 405 16.01 -6.81 -9.93
CA HIS A 405 15.13 -5.91 -9.23
C HIS A 405 15.76 -5.52 -7.91
N VAL A 406 15.60 -4.26 -7.52
CA VAL A 406 15.97 -3.81 -6.19
C VAL A 406 14.71 -3.74 -5.33
N LEU A 407 14.86 -4.08 -4.07
CA LEU A 407 13.76 -4.10 -3.12
C LEU A 407 14.18 -3.29 -1.91
N VAL A 408 13.34 -2.34 -1.50
CA VAL A 408 13.56 -1.53 -0.33
C VAL A 408 12.41 -1.77 0.65
N SER A 409 12.75 -1.87 1.95
CA SER A 409 11.79 -2.24 2.99
C SER A 409 11.93 -1.32 4.20
N PRO A 410 11.44 -0.08 4.09
CA PRO A 410 11.44 0.80 5.27
C PRO A 410 10.64 0.22 6.43
N GLY A 411 9.59 -0.56 6.15
CA GLY A 411 8.86 -1.21 7.23
C GLY A 411 9.71 -2.16 8.07
N TYR A 412 10.74 -2.76 7.45
CA TYR A 412 11.66 -3.60 8.21
C TYR A 412 12.45 -2.75 9.22
N THR A 413 12.98 -1.61 8.77
CA THR A 413 13.73 -0.73 9.67
C THR A 413 12.83 -0.14 10.76
N HIS A 414 11.53 0.07 10.47
CA HIS A 414 10.59 0.57 11.46
C HIS A 414 10.59 -0.31 12.71
N LEU A 415 10.91 -1.59 12.53
CA LEU A 415 10.81 -2.58 13.58
C LEU A 415 12.18 -2.97 14.15
N ARG A 416 13.22 -2.17 13.91
CA ARG A 416 14.56 -2.43 14.44
C ARG A 416 14.81 -1.61 15.70
N ASP A 417 15.20 -2.30 16.78
CA ASP A 417 15.53 -1.66 18.05
C ASP A 417 16.58 -0.56 17.89
N GLU A 418 17.55 -0.73 17.00
CA GLU A 418 18.60 0.27 16.85
C GLU A 418 18.05 1.64 16.50
N TYR A 419 16.97 1.68 15.70
CA TYR A 419 16.38 2.95 15.29
C TYR A 419 15.13 3.33 16.07
N PHE A 420 14.47 2.38 16.72
CA PHE A 420 13.27 2.67 17.51
C PHE A 420 13.36 1.79 18.74
N PRO A 421 13.85 2.33 19.87
CA PRO A 421 14.05 1.47 21.06
C PRO A 421 12.77 0.71 21.39
N ASN A 422 12.94 -0.57 21.74
CA ASN A 422 11.81 -1.47 22.01
C ASN A 422 10.80 -1.41 20.87
N ALA A 423 11.31 -1.75 19.69
CA ALA A 423 10.57 -1.50 18.45
C ALA A 423 9.26 -2.26 18.40
N HIS A 424 9.15 -3.37 19.12
CA HIS A 424 7.96 -4.21 19.06
C HIS A 424 6.94 -3.84 20.12
N GLN A 425 7.15 -2.72 20.81
CA GLN A 425 6.20 -2.19 21.76
C GLN A 425 5.50 -0.98 21.15
N PHE A 426 4.16 -1.01 21.18
CA PHE A 426 3.34 0.09 20.71
C PHE A 426 3.39 1.22 21.73
N ASN A 427 4.00 2.35 21.36
CA ASN A 427 4.14 3.45 22.31
C ASN A 427 4.00 4.77 21.55
N ILE A 428 2.84 5.42 21.71
CA ILE A 428 2.60 6.65 20.97
C ILE A 428 3.48 7.78 21.48
N HIS A 429 3.95 7.69 22.73
CA HIS A 429 4.78 8.72 23.33
C HIS A 429 6.20 8.69 22.85
N ARG A 430 6.62 7.66 22.11
CA ARG A 430 7.91 7.80 21.45
C ARG A 430 7.90 8.96 20.46
N TRP A 431 6.71 9.47 20.08
CA TRP A 431 6.59 10.60 19.16
C TRP A 431 6.21 11.90 19.86
N ASN A 432 6.42 12.00 21.18
CA ASN A 432 6.12 13.24 21.89
C ASN A 432 6.89 14.41 21.28
N ASN A 433 6.20 15.52 21.07
CA ASN A 433 6.81 16.69 20.43
C ASN A 433 7.39 16.33 19.06
N ASP A 434 6.75 15.39 18.38
CA ASP A 434 7.17 14.96 17.05
C ASP A 434 6.02 14.24 16.37
N SER A 435 4.85 14.89 16.34
CA SER A 435 3.62 14.24 15.93
C SER A 435 3.28 14.43 14.46
N ALA A 436 4.10 15.13 13.69
CA ALA A 436 3.79 15.35 12.27
C ALA A 436 3.87 14.03 11.50
N SER A 437 3.02 13.91 10.47
CA SER A 437 2.97 12.69 9.66
C SER A 437 4.34 12.33 9.08
N SER A 438 5.14 13.33 8.74
CA SER A 438 6.52 13.18 8.31
C SER A 438 7.13 14.57 8.31
N TYR A 439 8.46 14.61 8.36
CA TYR A 439 9.18 15.87 8.46
C TYR A 439 10.37 15.84 7.49
N SER A 440 10.51 16.91 6.72
CA SER A 440 11.67 17.10 5.87
C SER A 440 12.81 17.64 6.73
N VAL A 441 13.82 16.81 6.99
CA VAL A 441 14.82 17.10 8.00
C VAL A 441 15.97 17.92 7.41
N GLY A 442 15.82 18.35 6.15
CA GLY A 442 16.84 19.19 5.53
C GLY A 442 16.46 19.78 4.19
N GLU A 443 17.34 19.59 3.22
CA GLU A 443 17.18 20.11 1.87
C GLU A 443 15.96 19.49 1.18
N GLU A 444 15.41 20.22 0.20
CA GLU A 444 14.23 19.76 -0.55
C GLU A 444 14.47 19.79 -2.05
N VAL A 445 13.60 19.08 -2.77
CA VAL A 445 13.72 18.84 -4.21
C VAL A 445 12.31 18.68 -4.74
N ASP A 446 12.12 18.94 -6.03
CA ASP A 446 10.81 18.88 -6.68
C ASP A 446 10.96 18.09 -7.97
N TYR A 447 10.29 16.93 -8.05
CA TYR A 447 10.34 16.04 -9.21
C TYR A 447 9.20 16.30 -10.18
N GLY A 448 8.29 17.20 -9.82
CA GLY A 448 7.17 17.50 -10.70
C GLY A 448 5.88 17.69 -9.92
N PHE A 449 5.88 17.34 -8.63
CA PHE A 449 4.62 17.43 -7.88
C PHE A 449 4.79 18.14 -6.54
N GLY A 450 5.79 19.02 -6.41
CA GLY A 450 5.98 19.72 -5.14
C GLY A 450 7.29 19.42 -4.46
N ALA A 451 7.74 20.35 -3.62
CA ALA A 451 9.03 20.18 -2.95
C ALA A 451 8.91 19.12 -1.86
N ILE A 452 9.75 18.10 -1.92
CA ILE A 452 9.79 17.04 -0.94
C ILE A 452 11.24 16.88 -0.48
N SER A 453 11.42 16.11 0.60
CA SER A 453 12.75 15.96 1.16
C SER A 453 13.73 15.35 0.14
N LYS A 454 14.90 16.00 0.03
CA LYS A 454 15.92 15.52 -0.90
C LYS A 454 16.52 14.22 -0.38
N GLY A 455 16.92 14.19 0.88
CA GLY A 455 17.38 12.96 1.48
C GLY A 455 16.26 12.03 1.87
N VAL A 456 16.53 10.74 1.78
CA VAL A 456 15.52 9.74 2.12
C VAL A 456 16.16 8.75 3.08
N SER A 457 17.01 9.24 3.98
CA SER A 457 17.71 8.39 4.93
C SER A 457 17.01 8.28 6.28
N SER A 458 15.81 8.82 6.43
CA SER A 458 15.10 8.63 7.68
C SER A 458 14.79 7.15 7.88
N PRO A 459 15.02 6.60 9.09
CA PRO A 459 14.62 5.22 9.35
C PRO A 459 13.11 5.04 9.36
N TYR A 460 12.36 6.13 9.56
CA TYR A 460 10.89 6.14 9.49
C TYR A 460 10.52 6.68 8.11
N LEU A 461 10.01 5.80 7.25
CA LEU A 461 9.58 6.19 5.90
C LEU A 461 8.29 5.48 5.55
N PRO A 462 7.19 5.78 6.25
CA PRO A 462 5.92 5.11 5.92
C PRO A 462 5.42 5.47 4.51
N PHE A 463 5.83 6.62 3.96
CA PHE A 463 5.29 7.14 2.71
C PHE A 463 6.34 7.17 1.60
N GLY A 464 7.43 6.42 1.75
CA GLY A 464 8.52 6.29 0.82
C GLY A 464 9.29 7.60 0.70
N GLY A 465 9.91 7.79 -0.46
CA GLY A 465 10.62 9.02 -0.72
C GLY A 465 11.14 9.08 -2.14
N GLY A 466 11.61 10.27 -2.52
CA GLY A 466 12.04 10.45 -3.90
C GLY A 466 10.84 10.59 -4.83
N ARG A 467 11.07 10.31 -6.13
CA ARG A 467 10.08 10.67 -7.14
C ARG A 467 8.78 9.88 -6.97
N HIS A 468 8.82 8.70 -6.38
CA HIS A 468 7.65 7.86 -6.22
C HIS A 468 6.97 8.03 -4.88
N ARG A 469 7.37 9.06 -4.14
CA ARG A 469 6.83 9.33 -2.82
C ARG A 469 5.31 9.47 -2.85
N CYS A 470 4.68 8.95 -1.79
CA CYS A 470 3.25 9.06 -1.60
C CYS A 470 2.80 10.51 -1.61
N THR A 471 1.68 10.77 -2.26
CA THR A 471 1.07 12.08 -2.15
C THR A 471 -0.26 12.02 -1.42
N GLY A 472 -0.61 10.87 -0.84
CA GLY A 472 -1.86 10.73 -0.14
C GLY A 472 -1.74 10.90 1.37
N GLU A 473 -0.54 11.20 1.86
CA GLU A 473 -0.28 11.13 3.29
C GLU A 473 -1.20 12.04 4.08
N HIS A 474 -1.41 13.27 3.58
CA HIS A 474 -2.22 14.22 4.32
C HIS A 474 -3.70 13.87 4.23
N PHE A 475 -4.14 13.34 3.09
CA PHE A 475 -5.50 12.83 3.03
C PHE A 475 -5.69 11.66 4.00
N ALA A 476 -4.72 10.74 4.04
CA ALA A 476 -4.84 9.60 4.93
C ALA A 476 -4.91 10.05 6.39
N TYR A 477 -4.07 10.99 6.79
CA TYR A 477 -4.11 11.49 8.17
C TYR A 477 -5.43 12.20 8.46
N CYS A 478 -5.95 12.96 7.49
CA CYS A 478 -7.25 13.58 7.66
C CYS A 478 -8.34 12.54 7.87
N GLN A 479 -8.43 11.58 6.94
CA GLN A 479 -9.44 10.53 7.03
C GLN A 479 -9.29 9.71 8.30
N LEU A 480 -8.09 9.20 8.58
CA LEU A 480 -7.86 8.44 9.81
C LEU A 480 -8.07 9.31 11.05
N GLY A 481 -7.69 10.58 10.99
CA GLY A 481 -7.90 11.47 12.13
C GLY A 481 -9.36 11.67 12.48
N VAL A 482 -10.18 12.02 11.47
CA VAL A 482 -11.62 12.17 11.70
C VAL A 482 -12.21 10.86 12.23
N LEU A 483 -11.91 9.77 11.53
CA LEU A 483 -12.45 8.47 11.92
C LEU A 483 -12.12 8.15 13.37
N MET A 484 -10.84 8.29 13.76
CA MET A 484 -10.41 7.92 15.11
C MET A 484 -10.89 8.92 16.17
N SER A 485 -10.93 10.23 15.83
CA SER A 485 -11.55 11.18 16.75
C SER A 485 -12.98 10.75 17.13
N ILE A 486 -13.77 10.32 16.14
CA ILE A 486 -15.18 9.98 16.39
C ILE A 486 -15.28 8.64 17.12
N PHE A 487 -14.51 7.64 16.67
CA PHE A 487 -14.46 6.36 17.39
C PHE A 487 -14.18 6.59 18.87
N ILE A 488 -13.17 7.42 19.17
CA ILE A 488 -12.72 7.62 20.56
C ILE A 488 -13.80 8.33 21.37
N ARG A 489 -14.45 9.33 20.77
CA ARG A 489 -15.44 10.10 21.50
C ARG A 489 -16.72 9.31 21.72
N THR A 490 -17.01 8.32 20.87
CA THR A 490 -18.27 7.57 20.86
C THR A 490 -18.18 6.23 21.60
N LEU A 491 -17.06 5.52 21.46
CA LEU A 491 -16.94 4.14 21.89
C LEU A 491 -15.72 3.90 22.75
N LYS A 492 -15.83 2.90 23.63
CA LYS A 492 -14.70 2.14 24.15
C LYS A 492 -14.74 0.76 23.51
N TRP A 493 -13.59 0.10 23.46
CA TRP A 493 -13.57 -1.23 22.87
C TRP A 493 -12.46 -2.06 23.51
N HIS A 494 -12.62 -3.37 23.43
CA HIS A 494 -11.66 -4.29 24.01
C HIS A 494 -11.73 -5.61 23.25
N TYR A 495 -10.88 -6.54 23.64
CA TYR A 495 -10.81 -7.83 22.98
C TYR A 495 -11.73 -8.86 23.63
N PRO A 496 -12.26 -9.82 22.84
CA PRO A 496 -12.81 -11.03 23.45
C PRO A 496 -11.75 -11.69 24.33
N GLU A 497 -12.18 -12.45 25.34
CA GLU A 497 -11.24 -12.99 26.31
C GLU A 497 -10.17 -13.84 25.62
N GLY A 498 -8.93 -13.68 26.05
CA GLY A 498 -7.82 -14.40 25.47
C GLY A 498 -7.35 -13.94 24.10
N LYS A 499 -7.97 -12.91 23.51
CA LYS A 499 -7.56 -12.42 22.20
C LYS A 499 -6.59 -11.25 22.31
N THR A 500 -5.73 -11.10 21.32
CA THR A 500 -4.74 -10.03 21.32
C THR A 500 -4.49 -9.60 19.87
N VAL A 501 -3.54 -8.70 19.67
CA VAL A 501 -3.25 -8.17 18.33
C VAL A 501 -2.88 -9.33 17.41
N PRO A 502 -3.54 -9.49 16.28
CA PRO A 502 -3.22 -10.58 15.36
C PRO A 502 -1.95 -10.26 14.58
N PRO A 503 -1.30 -11.28 14.02
CA PRO A 503 -0.11 -11.05 13.22
C PRO A 503 -0.49 -10.56 11.83
N PRO A 504 0.42 -9.88 11.13
CA PRO A 504 0.08 -9.36 9.81
C PRO A 504 0.03 -10.47 8.76
N ASP A 505 -0.79 -10.23 7.74
CA ASP A 505 -0.86 -11.08 6.56
C ASP A 505 0.05 -10.49 5.50
N PHE A 506 1.27 -11.01 5.40
CA PHE A 506 2.23 -10.45 4.46
C PHE A 506 2.04 -10.92 3.02
N THR A 507 1.05 -11.76 2.74
CA THR A 507 0.80 -12.20 1.37
C THR A 507 -0.27 -11.38 0.66
N SER A 508 -0.96 -10.48 1.37
CA SER A 508 -1.91 -9.59 0.68
C SER A 508 -1.19 -8.39 0.09
N MET A 509 -1.94 -7.56 -0.64
CA MET A 509 -1.38 -6.33 -1.20
C MET A 509 -0.79 -5.44 -0.09
N VAL A 510 -1.50 -5.29 1.02
CA VAL A 510 -1.04 -4.55 2.19
C VAL A 510 -0.94 -5.53 3.36
N THR A 511 -0.12 -5.16 4.36
CA THR A 511 0.13 -6.00 5.53
C THR A 511 -1.02 -5.96 6.53
N LEU A 512 -2.25 -6.19 6.05
CA LEU A 512 -3.43 -6.16 6.90
C LEU A 512 -3.39 -7.25 7.98
N PRO A 513 -4.17 -7.08 9.05
CA PRO A 513 -4.23 -8.12 10.09
C PRO A 513 -4.84 -9.42 9.58
N THR A 514 -4.31 -10.53 10.11
CA THR A 514 -4.91 -11.83 9.86
C THR A 514 -6.26 -11.92 10.56
N GLY A 515 -7.30 -12.25 9.79
CA GLY A 515 -8.65 -12.30 10.29
C GLY A 515 -9.06 -13.69 10.76
N PRO A 516 -10.23 -13.79 11.41
CA PRO A 516 -11.02 -12.64 11.86
C PRO A 516 -10.37 -11.94 13.05
N ALA A 517 -10.44 -10.62 13.03
CA ALA A 517 -9.82 -9.77 14.03
C ALA A 517 -10.97 -9.01 14.67
N LYS A 518 -11.46 -9.52 15.80
CA LYS A 518 -12.70 -9.05 16.40
C LYS A 518 -12.42 -8.21 17.64
N ILE A 519 -13.24 -7.18 17.80
CA ILE A 519 -13.23 -6.36 19.00
C ILE A 519 -14.68 -6.18 19.44
N ILE A 520 -14.84 -5.94 20.73
CA ILE A 520 -16.12 -5.68 21.36
C ILE A 520 -16.17 -4.19 21.65
N TRP A 521 -17.20 -3.52 21.17
CA TRP A 521 -17.34 -2.09 21.42
C TRP A 521 -18.50 -1.84 22.37
N GLU A 522 -18.46 -0.68 23.03
CA GLU A 522 -19.56 -0.27 23.88
C GLU A 522 -19.67 1.24 23.81
N LYS A 523 -20.90 1.74 23.84
CA LYS A 523 -21.12 3.18 23.78
C LYS A 523 -20.61 3.85 25.04
N ARG A 524 -19.86 4.94 24.88
CA ARG A 524 -19.54 5.75 26.04
C ARG A 524 -20.77 6.41 26.61
N ASN A 525 -21.77 6.68 25.77
CA ASN A 525 -23.00 7.33 26.19
C ASN A 525 -24.13 6.48 25.62
N PRO A 526 -24.57 5.46 26.37
CA PRO A 526 -25.59 4.52 25.86
C PRO A 526 -26.84 5.21 25.35
N GLU A 527 -27.17 6.38 25.90
CA GLU A 527 -28.36 7.12 25.54
C GLU A 527 -28.16 8.04 24.36
N GLN A 528 -26.92 8.24 23.91
CA GLN A 528 -26.66 9.11 22.77
C GLN A 528 -27.36 8.57 21.52
N LYS A 529 -28.05 9.45 20.80
CA LYS A 529 -28.70 9.10 19.54
C LYS A 529 -28.02 9.87 18.41
N ILE A 530 -27.90 9.22 17.26
CA ILE A 530 -27.43 9.85 16.02
C ILE A 530 -28.66 10.20 15.19
N GLY A 531 -28.83 11.49 14.88
CA GLY A 531 -29.98 11.94 14.12
C GLY A 531 -29.90 11.58 12.65
N GLY A 532 -30.81 12.16 11.87
CA GLY A 532 -30.90 11.92 10.44
C GLY A 532 -31.90 10.81 10.09
N ARG A 533 -32.21 10.73 8.80
CA ARG A 533 -33.18 9.76 8.30
C ARG A 533 -32.49 8.45 7.94
N HIS A 534 -33.22 7.35 8.11
CA HIS A 534 -32.78 6.02 7.67
C HIS A 534 -33.95 5.06 7.74
N HIS A 535 -33.91 4.03 6.90
CA HIS A 535 -35.03 3.11 6.75
C HIS A 535 -34.95 1.94 7.71
CHA HEM B . 3.01 6.05 -3.24
CHB HEM B . 2.44 4.63 1.40
CHC HEM B . -2.15 6.27 1.35
CHD HEM B . -1.53 7.75 -3.26
C1A HEM B . 3.24 5.49 -1.99
C2A HEM B . 4.46 4.84 -1.58
C3A HEM B . 4.31 4.44 -0.31
C4A HEM B . 2.99 4.84 0.14
CMA HEM B . 5.36 3.70 0.55
CAA HEM B . 5.69 4.66 -2.50
CBA HEM B . 5.64 3.33 -3.23
CGA HEM B . 6.97 3.04 -3.88
O1A HEM B . 7.08 2.00 -4.59
O2A HEM B . 7.94 3.82 -3.66
C1B HEM B . 1.18 5.01 1.82
C2B HEM B . 0.64 4.90 3.17
C3B HEM B . -0.65 5.35 3.15
C4B HEM B . -0.95 5.75 1.79
CMB HEM B . 1.48 4.36 4.33
CAB HEM B . -1.73 5.50 4.26
CBB HEM B . -1.51 5.18 5.53
C1C HEM B . -2.37 6.87 0.12
C2C HEM B . -3.54 7.66 -0.25
C3C HEM B . -3.38 8.05 -1.53
C4C HEM B . -2.09 7.56 -2.00
CMC HEM B . -4.70 7.90 0.74
CAC HEM B . -4.31 8.91 -2.40
CBC HEM B . -5.36 9.59 -1.88
C1D HEM B . -0.24 7.48 -3.65
C2D HEM B . 0.44 7.92 -4.88
C3D HEM B . 1.69 7.45 -4.88
C4D HEM B . 1.88 6.70 -3.65
CMD HEM B . -0.23 8.77 -5.99
CAD HEM B . 2.76 7.69 -5.98
CBD HEM B . 3.33 6.40 -6.54
CGD HEM B . 4.43 6.66 -7.53
O1D HEM B . 4.77 7.85 -7.80
O2D HEM B . 4.98 5.66 -8.08
NA HEM B . 2.35 5.47 -0.92
NB HEM B . 0.17 5.52 1.02
NC HEM B . -1.52 6.85 -0.98
ND HEM B . 0.67 6.74 -2.95
FE HEM B . 0.43 6.16 -0.95
C12 1YN C . 3.01 -12.26 -1.68
C11 1YN C . 4.24 -12.85 -1.93
C01 1YN C . 3.12 -17.94 -4.39
C02 1YN C . 3.60 -18.59 -3.10
C03 1YN C . 3.29 -17.71 -1.88
C04 1YN C . 3.81 -18.34 -0.59
N05 1YN C . 3.92 -16.38 -2.05
C06 1YN C . 3.35 -15.20 -1.71
O07 1YN C . 2.26 -14.99 -1.21
N08 1YN C . 4.36 -14.29 -2.03
C09 1YN C . 5.44 -14.96 -2.53
N10 1YN C . 5.19 -16.28 -2.56
C13 1YN C . 2.90 -10.88 -1.63
C14 1YN C . 4.02 -10.08 -1.85
C15 1YN C . 5.25 -10.68 -2.06
C16 1YN C . 5.36 -12.06 -2.11
N17 1YN C . 3.88 -8.70 -1.95
C18 1YN C . 2.89 -7.94 -1.20
C19 1YN C . 2.42 -6.76 -2.03
N20 1YN C . 3.57 -5.93 -2.44
C21 1YN C . 4.67 -6.67 -3.05
C22 1YN C . 5.06 -7.86 -2.19
C23 1YN C . 3.27 -4.68 -2.97
C24 1YN C . 1.96 -4.26 -3.13
C25 1YN C . 1.67 -3.00 -3.64
C26 1YN C . 2.71 -2.15 -3.98
C27 1YN C . 4.02 -2.54 -3.81
C28 1YN C . 4.30 -3.81 -3.32
O29 1YN C . 2.30 -0.94 -4.49
C30 1YN C . 3.31 0.01 -4.86
C31 1YN C . 2.66 1.06 -5.71
C32 1YN C . 1.61 0.50 -6.62
O33 1YN C . 0.44 0.51 -5.83
C34 1YN C . 0.51 1.67 -5.01
O35 1YN C . 1.90 2.02 -4.91
C36 1YN C . 0.00 1.20 -3.62
N37 1YN C . -0.34 2.38 -2.82
C38 1YN C . 0.44 3.37 -2.45
N39 1YN C . -0.23 4.25 -1.74
C40 1YN C . -1.46 3.71 -1.70
N41 1YN C . -1.59 2.57 -2.34
C42 1YN C . -0.30 2.78 -5.66
C43 1YN C . -1.64 2.61 -6.01
C44 1YN C . -2.37 3.62 -6.60
C45 1YN C . -1.75 4.81 -6.88
C46 1YN C . -0.43 5.03 -6.55
C47 1YN C . 0.29 4.01 -5.95
CL8 1YN C . -2.67 6.07 -7.65
CL9 1YN C . -2.47 1.13 -5.69
#